data_9GFE
#
_entry.id   9GFE
#
_cell.length_a   87.66
_cell.length_b   62.34
_cell.length_c   49.47
_cell.angle_alpha   90
_cell.angle_beta   105.3
_cell.angle_gamma   90
#
_symmetry.space_group_name_H-M   'C 1 2 1'
#
loop_
_entity.id
_entity.type
_entity.pdbx_description
1 polymer 'Retinoic acid receptor alpha'
2 polymer 'Stapled peptide-like ligand'
3 non-polymer '4-{[(5,5,8,8-tetramethyl-5,6,7,8-tetrahydronaphthalen-2-yl)carbonyl]amino}benzoic acid'
4 water water
#
loop_
_entity_poly.entity_id
_entity_poly.type
_entity_poly.pdbx_seq_one_letter_code
_entity_poly.pdbx_strand_id
1 'polypeptide(L)'
;TPEVGELIEKVRKAHQETFPALCQLGKYTTNNSSEQRVSLDIDLWDKFSELSTKCIIKTVEFAKQLPGFTTLTIADQITL
LKAACLDILILRICTRYTPEQDTMTFSDGLTLNRTQMHNAGFGPLTDLVFAFANQLLPLEMDDAETGLLSAICLICGDRQ
DLEQPDRVDMLQEPLLEALKVYVRKRRPSRPHMFPKMLMKITDLRSISAKGAERVITLKMEIPGSMPPLIQEMLE
;
A
2 'polypeptide(L)' (ACE)AH(NLE)ILH(HRG)LLA B
#
loop_
_chem_comp.id
_chem_comp.type
_chem_comp.name
_chem_comp.formula
ACE non-polymer 'ACETYL GROUP' 'C2 H4 O'
EQN non-polymer '4-{[(5,5,8,8-tetramethyl-5,6,7,8-tetrahydronaphthalen-2-yl)carbonyl]amino}benzoic acid' 'C22 H25 N O3'
#
# COMPACT_ATOMS: atom_id res chain seq x y z
N THR A 1 -10.39 9.46 -20.12
CA THR A 1 -10.88 8.93 -21.40
C THR A 1 -9.86 8.13 -22.26
N PRO A 2 -8.58 7.91 -21.85
CA PRO A 2 -7.66 7.17 -22.74
C PRO A 2 -8.11 5.76 -23.09
N GLU A 3 -7.56 5.21 -24.18
CA GLU A 3 -7.85 3.83 -24.55
C GLU A 3 -7.35 2.89 -23.45
N VAL A 4 -8.00 1.75 -23.27
CA VAL A 4 -7.68 0.82 -22.21
C VAL A 4 -6.18 0.45 -22.16
N GLY A 5 -5.59 0.16 -23.31
CA GLY A 5 -4.18 -0.18 -23.41
C GLY A 5 -3.25 0.91 -22.92
N GLU A 6 -3.62 2.16 -23.18
CA GLU A 6 -2.85 3.34 -22.78
C GLU A 6 -2.95 3.56 -21.27
N LEU A 7 -4.15 3.38 -20.70
CA LEU A 7 -4.36 3.57 -19.26
C LEU A 7 -3.58 2.52 -18.48
N ILE A 8 -3.62 1.26 -18.95
CA ILE A 8 -2.88 0.16 -18.32
C ILE A 8 -1.39 0.46 -18.29
N GLU A 9 -0.83 0.91 -19.43
CA GLU A 9 0.61 1.17 -19.49
C GLU A 9 1.01 2.32 -18.58
N LYS A 10 0.18 3.34 -18.50
CA LYS A 10 0.46 4.50 -17.64
C LYS A 10 0.51 4.06 -16.17
N VAL A 11 -0.46 3.25 -15.77
CA VAL A 11 -0.53 2.78 -14.37
C VAL A 11 0.58 1.79 -14.06
N ARG A 12 0.88 0.90 -15.02
CA ARG A 12 1.94 -0.08 -14.85
C ARG A 12 3.27 0.66 -14.63
N LYS A 13 3.53 1.69 -15.45
CA LYS A 13 4.75 2.48 -15.37
C LYS A 13 4.78 3.28 -14.06
N ALA A 14 3.65 3.82 -13.60
CA ALA A 14 3.58 4.61 -12.35
C ALA A 14 3.99 3.70 -11.18
N HIS A 15 3.48 2.47 -11.16
CA HIS A 15 3.83 1.53 -10.09
C HIS A 15 5.29 1.08 -10.20
N GLN A 16 5.70 0.54 -11.37
CA GLN A 16 7.07 0.07 -11.53
C GLN A 16 8.10 1.13 -11.20
N GLU A 17 7.89 2.37 -11.65
CA GLU A 17 8.85 3.43 -11.39
C GLU A 17 8.91 3.89 -9.95
N THR A 18 7.97 3.46 -9.10
CA THR A 18 7.99 3.86 -7.68
C THR A 18 8.10 2.64 -6.76
N PHE A 19 8.35 1.44 -7.33
CA PHE A 19 8.36 0.21 -6.52
C PHE A 19 9.37 -0.79 -7.04
N PRO A 20 10.53 -0.91 -6.41
CA PRO A 20 11.48 -1.96 -6.85
C PRO A 20 10.95 -3.33 -6.49
N ALA A 21 11.07 -4.27 -7.40
CA ALA A 21 10.61 -5.63 -7.17
C ALA A 21 11.56 -6.36 -6.26
N LEU A 22 11.06 -7.42 -5.57
CA LEU A 22 11.93 -8.22 -4.69
C LEU A 22 13.20 -8.75 -5.42
N CYS A 23 13.08 -9.19 -6.69
CA CYS A 23 14.24 -9.72 -7.43
C CYS A 23 15.34 -8.69 -7.65
N GLN A 24 14.95 -7.40 -7.70
CA GLN A 24 15.93 -6.33 -7.95
C GLN A 24 16.75 -5.97 -6.74
N LEU A 25 16.26 -6.32 -5.53
CA LEU A 25 16.88 -5.87 -4.31
C LEU A 25 17.95 -6.76 -3.74
N GLY A 26 18.89 -6.16 -3.01
CA GLY A 26 19.93 -6.90 -2.31
C GLY A 26 19.46 -7.16 -0.90
N LYS A 27 18.86 -8.33 -0.69
CA LYS A 27 18.31 -8.68 0.60
C LYS A 27 19.36 -8.70 1.68
N TYR A 28 18.96 -8.21 2.85
CA TYR A 28 19.82 -8.34 4.02
C TYR A 28 18.97 -8.52 5.25
N THR A 29 19.53 -9.09 6.31
CA THR A 29 18.78 -9.34 7.53
C THR A 29 19.48 -8.70 8.75
N THR A 30 18.80 -8.72 9.90
CA THR A 30 19.34 -8.22 11.14
C THR A 30 19.12 -9.28 12.23
N ASN A 31 19.99 -9.26 13.23
CA ASN A 31 19.83 -10.17 14.38
C ASN A 31 18.85 -9.63 15.42
N ASN A 32 18.45 -8.34 15.33
CA ASN A 32 17.58 -7.72 16.33
C ASN A 32 16.28 -8.48 16.57
N SER A 33 16.10 -8.99 17.81
CA SER A 33 14.95 -9.76 18.28
C SER A 33 14.39 -10.72 17.24
N SER A 34 15.28 -11.39 16.48
CA SER A 34 14.84 -12.28 15.42
C SER A 34 14.08 -13.46 15.92
N GLU A 35 14.33 -13.91 17.17
CA GLU A 35 13.65 -15.09 17.69
C GLU A 35 12.89 -14.88 18.98
N GLN A 36 12.85 -13.64 19.51
CA GLN A 36 12.10 -13.34 20.72
C GLN A 36 10.96 -12.34 20.42
N ARG A 37 9.71 -12.70 20.74
CA ARG A 37 8.60 -11.76 20.56
C ARG A 37 8.65 -10.75 21.67
N VAL A 38 8.54 -9.48 21.32
CA VAL A 38 8.54 -8.39 22.29
C VAL A 38 7.42 -7.41 21.89
N SER A 39 7.00 -6.55 22.82
N SER A 39 7.02 -6.56 22.82
CA SER A 39 5.93 -5.58 22.53
CA SER A 39 5.96 -5.59 22.58
C SER A 39 6.37 -4.58 21.46
C SER A 39 6.38 -4.59 21.49
N LEU A 40 7.60 -4.07 21.59
CA LEU A 40 8.14 -3.15 20.57
C LEU A 40 9.65 -3.16 20.66
N ASP A 41 10.33 -3.51 19.56
CA ASP A 41 11.78 -3.46 19.50
C ASP A 41 12.06 -2.08 18.94
N ILE A 42 12.64 -1.18 19.75
CA ILE A 42 12.83 0.20 19.31
C ILE A 42 13.79 0.35 18.11
N ASP A 43 14.81 -0.50 17.94
CA ASP A 43 15.70 -0.36 16.79
C ASP A 43 14.96 -0.75 15.52
N LEU A 44 14.11 -1.80 15.59
CA LEU A 44 13.30 -2.18 14.44
C LEU A 44 12.28 -1.11 14.16
N TRP A 45 11.62 -0.57 15.20
CA TRP A 45 10.63 0.48 15.03
C TRP A 45 11.27 1.71 14.31
N ASP A 46 12.47 2.12 14.75
CA ASP A 46 13.14 3.27 14.12
C ASP A 46 13.41 3.02 12.63
N LYS A 47 13.82 1.79 12.28
CA LYS A 47 14.11 1.45 10.89
C LYS A 47 12.79 1.37 10.09
N PHE A 48 11.79 0.72 10.68
CA PHE A 48 10.50 0.55 10.05
C PHE A 48 9.80 1.87 9.80
N SER A 49 9.80 2.78 10.77
CA SER A 49 9.16 4.08 10.60
C SER A 49 9.87 4.90 9.52
N GLU A 50 11.21 4.78 9.44
CA GLU A 50 11.97 5.49 8.37
C GLU A 50 11.61 4.94 6.99
N LEU A 51 11.52 3.59 6.89
CA LEU A 51 11.19 3.00 5.57
C LEU A 51 9.74 3.36 5.22
N SER A 52 8.86 3.45 6.22
CA SER A 52 7.45 3.79 5.94
C SER A 52 7.37 5.21 5.42
N THR A 53 8.17 6.13 5.96
CA THR A 53 8.18 7.52 5.50
C THR A 53 8.60 7.55 3.99
N LYS A 54 9.60 6.78 3.65
CA LYS A 54 10.06 6.69 2.27
C LYS A 54 8.98 6.09 1.37
N CYS A 55 8.23 5.10 1.87
CA CYS A 55 7.18 4.49 1.06
C CYS A 55 6.05 5.44 0.86
N ILE A 56 5.74 6.30 1.87
CA ILE A 56 4.69 7.30 1.66
C ILE A 56 5.09 8.26 0.53
N ILE A 57 6.34 8.70 0.50
CA ILE A 57 6.82 9.59 -0.57
C ILE A 57 6.66 8.91 -1.95
N LYS A 58 6.98 7.61 -2.05
CA LYS A 58 6.81 6.88 -3.32
C LYS A 58 5.34 6.70 -3.67
N THR A 59 4.45 6.55 -2.66
CA THR A 59 3.01 6.42 -2.89
C THR A 59 2.42 7.72 -3.44
N VAL A 60 2.88 8.85 -2.94
CA VAL A 60 2.42 10.15 -3.47
C VAL A 60 2.94 10.33 -4.87
N GLU A 61 4.19 9.91 -5.15
CA GLU A 61 4.72 9.98 -6.52
C GLU A 61 3.93 9.11 -7.47
N PHE A 62 3.50 7.93 -6.99
CA PHE A 62 2.67 7.05 -7.79
C PHE A 62 1.33 7.72 -8.10
N ALA A 63 0.68 8.28 -7.07
CA ALA A 63 -0.65 8.90 -7.24
C ALA A 63 -0.60 10.02 -8.24
N LYS A 64 0.44 10.86 -8.19
CA LYS A 64 0.55 11.98 -9.13
C LYS A 64 0.68 11.55 -10.59
N GLN A 65 1.05 10.30 -10.85
CA GLN A 65 1.14 9.79 -12.22
C GLN A 65 -0.12 9.07 -12.70
N LEU A 66 -1.17 9.01 -11.87
CA LEU A 66 -2.41 8.34 -12.25
C LEU A 66 -3.26 9.37 -12.99
N PRO A 67 -3.76 8.99 -14.17
CA PRO A 67 -4.56 9.92 -14.96
C PRO A 67 -5.76 10.49 -14.22
N GLY A 68 -5.79 11.81 -14.17
CA GLY A 68 -6.87 12.55 -13.56
C GLY A 68 -6.74 12.78 -12.09
N PHE A 69 -5.78 12.07 -11.39
CA PHE A 69 -5.65 12.27 -9.95
C PHE A 69 -5.33 13.73 -9.61
N THR A 70 -4.37 14.34 -10.33
CA THR A 70 -3.98 15.71 -10.06
C THR A 70 -5.03 16.73 -10.53
N THR A 71 -6.09 16.30 -11.23
CA THR A 71 -7.19 17.19 -11.62
C THR A 71 -8.24 17.35 -10.52
N LEU A 72 -8.22 16.49 -9.48
CA LEU A 72 -9.16 16.59 -8.37
C LEU A 72 -8.74 17.79 -7.54
N THR A 73 -9.62 18.27 -6.61
CA THR A 73 -9.22 19.36 -5.72
C THR A 73 -8.06 18.88 -4.85
N ILE A 74 -7.19 19.79 -4.40
CA ILE A 74 -6.08 19.41 -3.51
C ILE A 74 -6.62 18.78 -2.24
N ALA A 75 -7.76 19.30 -1.71
CA ALA A 75 -8.38 18.73 -0.51
C ALA A 75 -8.74 17.25 -0.74
N ASP A 76 -9.32 16.93 -1.89
CA ASP A 76 -9.70 15.54 -2.20
C ASP A 76 -8.47 14.68 -2.47
N GLN A 77 -7.41 15.24 -3.10
CA GLN A 77 -6.18 14.43 -3.30
C GLN A 77 -5.63 14.02 -1.93
N ILE A 78 -5.65 14.96 -0.96
CA ILE A 78 -5.20 14.66 0.41
C ILE A 78 -6.09 13.68 1.13
N THR A 79 -7.42 13.85 1.03
CA THR A 79 -8.37 12.93 1.66
C THR A 79 -8.16 11.50 1.11
N LEU A 80 -7.95 11.38 -0.19
CA LEU A 80 -7.77 10.07 -0.81
C LEU A 80 -6.46 9.44 -0.36
N LEU A 81 -5.36 10.23 -0.36
CA LEU A 81 -4.07 9.69 0.06
C LEU A 81 -4.09 9.28 1.50
N LYS A 82 -4.72 10.08 2.38
CA LYS A 82 -4.75 9.70 3.81
C LYS A 82 -5.51 8.42 3.99
N ALA A 83 -6.65 8.28 3.30
CA ALA A 83 -7.52 7.13 3.47
C ALA A 83 -6.93 5.86 2.93
N ALA A 84 -6.08 5.94 1.89
CA ALA A 84 -5.50 4.76 1.29
C ALA A 84 -4.10 4.46 1.72
N CYS A 85 -3.47 5.31 2.53
CA CYS A 85 -2.09 5.17 2.97
CA CYS A 85 -2.05 5.13 2.82
C CYS A 85 -1.73 3.77 3.41
N LEU A 86 -2.45 3.28 4.43
CA LEU A 86 -2.12 1.94 4.94
C LEU A 86 -2.44 0.88 3.97
N ASP A 87 -3.52 1.02 3.18
CA ASP A 87 -3.85 0.01 2.16
C ASP A 87 -2.64 -0.15 1.19
N ILE A 88 -2.13 0.97 0.60
CA ILE A 88 -1.06 0.84 -0.40
C ILE A 88 0.24 0.36 0.25
N LEU A 89 0.58 0.88 1.44
CA LEU A 89 1.83 0.44 2.10
C LEU A 89 1.74 -1.08 2.38
N ILE A 90 0.58 -1.53 2.91
CA ILE A 90 0.44 -2.96 3.22
C ILE A 90 0.51 -3.80 1.95
N LEU A 91 -0.19 -3.38 0.88
CA LEU A 91 -0.11 -4.15 -0.39
C LEU A 91 1.34 -4.24 -0.87
N ARG A 92 2.09 -3.12 -0.79
CA ARG A 92 3.47 -3.10 -1.22
C ARG A 92 4.38 -4.03 -0.42
N ILE A 93 4.30 -3.99 0.92
CA ILE A 93 5.20 -4.87 1.70
C ILE A 93 4.82 -6.34 1.47
N CYS A 94 3.51 -6.59 1.37
CA CYS A 94 3.05 -7.99 1.12
C CYS A 94 3.42 -8.51 -0.25
N THR A 95 3.63 -7.61 -1.22
CA THR A 95 4.09 -8.04 -2.54
C THR A 95 5.48 -8.68 -2.45
N ARG A 96 6.29 -8.27 -1.49
CA ARG A 96 7.62 -8.78 -1.33
C ARG A 96 7.71 -9.86 -0.27
N TYR A 97 6.75 -10.79 -0.30
CA TYR A 97 6.78 -11.89 0.68
C TYR A 97 7.51 -13.12 0.13
N THR A 98 8.36 -13.75 0.96
CA THR A 98 9.07 -15.00 0.63
C THR A 98 8.51 -16.08 1.57
N PRO A 99 7.71 -17.02 1.06
CA PRO A 99 7.00 -17.96 1.97
C PRO A 99 7.86 -18.97 2.72
N GLU A 100 8.91 -19.50 2.09
CA GLU A 100 9.76 -20.53 2.73
C GLU A 100 10.36 -20.05 4.04
N GLN A 101 10.87 -18.82 4.05
CA GLN A 101 11.41 -18.21 5.26
C GLN A 101 10.38 -17.34 6.01
N ASP A 102 9.20 -17.12 5.40
CA ASP A 102 8.11 -16.33 6.01
C ASP A 102 8.62 -14.92 6.34
N THR A 103 9.15 -14.29 5.30
CA THR A 103 9.70 -12.93 5.48
C THR A 103 9.07 -11.95 4.52
N MET A 104 9.19 -10.66 4.87
CA MET A 104 8.81 -9.60 3.92
C MET A 104 10.06 -8.72 3.71
N THR A 105 10.23 -8.22 2.47
CA THR A 105 11.41 -7.38 2.17
C THR A 105 11.03 -5.96 1.85
N PHE A 106 11.69 -4.99 2.52
CA PHE A 106 11.44 -3.56 2.32
C PHE A 106 12.23 -3.04 1.13
N SER A 107 11.97 -1.76 0.74
N SER A 107 11.92 -1.83 0.67
CA SER A 107 12.51 -1.13 -0.46
CA SER A 107 12.50 -1.29 -0.55
C SER A 107 14.00 -0.84 -0.46
C SER A 107 14.02 -1.17 -0.54
N ASP A 108 14.67 -1.09 0.66
CA ASP A 108 16.12 -0.99 0.68
C ASP A 108 16.78 -2.39 0.76
N GLY A 109 15.99 -3.47 0.73
CA GLY A 109 16.51 -4.82 0.90
C GLY A 109 16.29 -5.40 2.28
N LEU A 110 15.98 -4.60 3.31
CA LEU A 110 15.82 -5.17 4.67
C LEU A 110 14.75 -6.25 4.68
N THR A 111 15.10 -7.42 5.17
CA THR A 111 14.20 -8.55 5.13
C THR A 111 13.96 -8.99 6.54
N LEU A 112 12.70 -8.91 6.96
CA LEU A 112 12.29 -9.23 8.33
C LEU A 112 11.42 -10.46 8.37
N ASN A 113 11.65 -11.32 9.37
CA ASN A 113 10.81 -12.47 9.55
C ASN A 113 9.52 -12.09 10.32
N ARG A 114 8.59 -13.05 10.51
CA ARG A 114 7.30 -12.73 11.16
C ARG A 114 7.47 -12.17 12.55
N THR A 115 8.41 -12.75 13.35
CA THR A 115 8.63 -12.21 14.69
C THR A 115 9.14 -10.77 14.64
N GLN A 116 10.07 -10.47 13.73
CA GLN A 116 10.63 -9.14 13.62
C GLN A 116 9.57 -8.17 13.12
N MET A 117 8.68 -8.57 12.19
CA MET A 117 7.61 -7.64 11.71
C MET A 117 6.69 -7.34 12.91
N HIS A 118 6.35 -8.40 13.69
CA HIS A 118 5.57 -8.20 14.93
C HIS A 118 6.25 -7.17 15.85
N ASN A 119 7.56 -7.37 16.12
CA ASN A 119 8.30 -6.51 17.01
C ASN A 119 8.51 -5.10 16.50
N ALA A 120 8.49 -4.93 15.18
CA ALA A 120 8.75 -3.61 14.59
C ALA A 120 7.59 -2.64 14.75
N GLY A 121 6.40 -3.16 15.04
CA GLY A 121 5.24 -2.30 15.18
C GLY A 121 3.95 -2.93 14.72
N PHE A 122 4.00 -4.01 13.91
CA PHE A 122 2.77 -4.66 13.46
C PHE A 122 1.93 -5.19 14.63
N GLY A 123 2.59 -5.76 15.64
CA GLY A 123 1.87 -6.27 16.80
C GLY A 123 0.72 -7.19 16.48
N PRO A 124 -0.49 -6.81 16.89
CA PRO A 124 -1.66 -7.66 16.62
C PRO A 124 -2.08 -7.76 15.16
N LEU A 125 -1.52 -6.88 14.29
CA LEU A 125 -1.84 -6.95 12.87
C LEU A 125 -1.03 -8.02 12.17
N THR A 126 0.03 -8.57 12.81
CA THR A 126 0.95 -9.45 12.12
C THR A 126 0.31 -10.59 11.39
N ASP A 127 -0.48 -11.45 12.08
CA ASP A 127 -1.05 -12.60 11.38
C ASP A 127 -1.99 -12.19 10.23
N LEU A 128 -2.78 -11.10 10.39
CA LEU A 128 -3.68 -10.68 9.30
C LEU A 128 -2.87 -10.22 8.08
N VAL A 129 -1.78 -9.49 8.31
CA VAL A 129 -0.94 -9.00 7.21
C VAL A 129 -0.27 -10.20 6.51
N PHE A 130 0.29 -11.17 7.29
CA PHE A 130 0.91 -12.35 6.65
C PHE A 130 -0.12 -13.22 5.94
N ALA A 131 -1.37 -13.29 6.46
CA ALA A 131 -2.42 -14.06 5.80
C ALA A 131 -2.73 -13.42 4.45
N PHE A 132 -2.76 -12.07 4.39
CA PHE A 132 -2.99 -11.40 3.13
C PHE A 132 -1.87 -11.68 2.16
N ALA A 133 -0.61 -11.60 2.61
CA ALA A 133 0.54 -11.88 1.73
C ALA A 133 0.41 -13.29 1.11
N ASN A 134 -0.06 -14.24 1.91
CA ASN A 134 -0.23 -15.61 1.43
C ASN A 134 -1.35 -15.76 0.41
N GLN A 135 -2.41 -14.98 0.54
CA GLN A 135 -3.53 -14.99 -0.41
C GLN A 135 -3.13 -14.35 -1.72
N LEU A 136 -2.25 -13.33 -1.66
CA LEU A 136 -1.81 -12.65 -2.84
C LEU A 136 -0.93 -13.55 -3.68
N LEU A 137 -0.05 -14.33 -3.04
CA LEU A 137 0.94 -15.12 -3.75
C LEU A 137 0.41 -15.99 -4.90
N PRO A 138 -0.62 -16.86 -4.74
CA PRO A 138 -1.06 -17.69 -5.85
C PRO A 138 -1.64 -16.95 -7.03
N LEU A 139 -2.02 -15.67 -6.85
CA LEU A 139 -2.58 -14.87 -7.94
C LEU A 139 -1.53 -14.56 -9.02
N GLU A 140 -0.23 -14.61 -8.68
CA GLU A 140 0.88 -14.34 -9.59
C GLU A 140 0.70 -13.01 -10.30
N MET A 141 0.35 -11.97 -9.52
CA MET A 141 0.12 -10.67 -10.09
C MET A 141 1.36 -10.04 -10.66
N ASP A 142 1.19 -9.26 -11.74
CA ASP A 142 2.33 -8.56 -12.33
C ASP A 142 2.30 -7.04 -11.93
N ASP A 143 3.22 -6.21 -12.45
CA ASP A 143 3.25 -4.79 -12.09
C ASP A 143 1.99 -4.07 -12.52
N ALA A 144 1.42 -4.45 -13.69
CA ALA A 144 0.20 -3.79 -14.15
C ALA A 144 -0.96 -4.08 -13.21
N GLU A 145 -1.10 -5.35 -12.79
CA GLU A 145 -2.19 -5.74 -11.89
C GLU A 145 -2.02 -5.08 -10.50
N THR A 146 -0.79 -5.10 -9.94
CA THR A 146 -0.56 -4.49 -8.64
C THR A 146 -0.78 -2.98 -8.70
N GLY A 147 -0.33 -2.35 -9.79
CA GLY A 147 -0.50 -0.91 -9.96
C GLY A 147 -1.97 -0.55 -10.11
N LEU A 148 -2.72 -1.33 -10.87
CA LEU A 148 -4.16 -1.05 -11.06
C LEU A 148 -4.89 -1.29 -9.76
N LEU A 149 -4.55 -2.32 -8.98
CA LEU A 149 -5.21 -2.57 -7.68
C LEU A 149 -4.93 -1.43 -6.72
N SER A 150 -3.67 -0.93 -6.70
CA SER A 150 -3.32 0.22 -5.85
C SER A 150 -4.13 1.44 -6.27
N ALA A 151 -4.25 1.66 -7.58
CA ALA A 151 -4.99 2.81 -8.10
C ALA A 151 -6.49 2.74 -7.77
N ILE A 152 -7.07 1.54 -7.86
CA ILE A 152 -8.49 1.35 -7.49
C ILE A 152 -8.70 1.60 -6.01
N CYS A 153 -7.73 1.20 -5.19
CA CYS A 153 -7.76 1.44 -3.75
CA CYS A 153 -7.80 1.42 -3.77
C CYS A 153 -7.76 2.93 -3.44
N LEU A 154 -6.90 3.65 -4.13
CA LEU A 154 -6.74 5.08 -3.86
C LEU A 154 -7.90 5.91 -4.37
N ILE A 155 -8.29 5.65 -5.61
CA ILE A 155 -9.33 6.47 -6.25
C ILE A 155 -10.68 5.87 -5.95
N CYS A 156 -11.16 6.13 -4.74
CA CYS A 156 -12.37 5.53 -4.21
C CYS A 156 -13.34 6.62 -3.78
N GLY A 157 -14.52 6.65 -4.38
CA GLY A 157 -15.49 7.70 -4.06
C GLY A 157 -16.27 7.53 -2.77
N ASP A 158 -16.03 6.45 -2.02
CA ASP A 158 -16.76 6.26 -0.77
C ASP A 158 -16.02 6.79 0.46
N ARG A 159 -14.82 7.40 0.28
CA ARG A 159 -14.10 7.92 1.43
C ARG A 159 -14.82 9.07 2.06
N GLN A 160 -14.82 9.11 3.38
CA GLN A 160 -15.47 10.19 4.11
CA GLN A 160 -15.49 10.19 4.09
C GLN A 160 -14.82 11.54 3.83
N ASP A 161 -15.64 12.59 3.77
CA ASP A 161 -15.24 13.97 3.59
C ASP A 161 -14.74 14.36 2.22
N LEU A 162 -15.03 13.58 1.17
CA LEU A 162 -14.67 14.02 -0.18
C LEU A 162 -15.63 15.16 -0.58
N GLU A 163 -15.10 16.18 -1.23
CA GLU A 163 -15.84 17.33 -1.76
C GLU A 163 -16.54 16.91 -3.04
N GLN A 164 -15.87 16.10 -3.90
CA GLN A 164 -16.44 15.68 -5.17
C GLN A 164 -16.40 14.17 -5.33
N PRO A 165 -17.12 13.43 -4.48
CA PRO A 165 -17.11 11.96 -4.59
C PRO A 165 -17.57 11.39 -5.91
N ASP A 166 -18.59 12.00 -6.57
CA ASP A 166 -19.04 11.47 -7.86
C ASP A 166 -17.92 11.60 -8.92
N ARG A 167 -17.11 12.65 -8.83
CA ARG A 167 -15.98 12.82 -9.76
C ARG A 167 -14.93 11.72 -9.56
N VAL A 168 -14.69 11.36 -8.29
CA VAL A 168 -13.77 10.29 -7.92
C VAL A 168 -14.30 8.93 -8.39
N ASP A 169 -15.61 8.70 -8.25
CA ASP A 169 -16.24 7.48 -8.74
C ASP A 169 -16.05 7.36 -10.26
N MET A 170 -16.18 8.49 -10.99
CA MET A 170 -16.02 8.50 -12.45
CA MET A 170 -16.02 8.45 -12.44
C MET A 170 -14.59 8.21 -12.88
N LEU A 171 -13.63 8.70 -12.11
CA LEU A 171 -12.21 8.48 -12.39
C LEU A 171 -11.81 7.02 -12.13
N GLN A 172 -12.47 6.35 -11.17
CA GLN A 172 -12.19 4.98 -10.84
C GLN A 172 -12.72 4.01 -11.90
N GLU A 173 -13.90 4.31 -12.49
CA GLU A 173 -14.52 3.40 -13.47
C GLU A 173 -13.54 2.91 -14.58
N PRO A 174 -12.81 3.80 -15.29
CA PRO A 174 -11.89 3.31 -16.32
C PRO A 174 -10.81 2.39 -15.77
N LEU A 175 -10.37 2.62 -14.50
CA LEU A 175 -9.34 1.79 -13.89
C LEU A 175 -9.89 0.38 -13.68
N LEU A 176 -11.14 0.27 -13.21
CA LEU A 176 -11.77 -1.04 -13.02
C LEU A 176 -11.95 -1.74 -14.38
N GLU A 177 -12.37 -1.00 -15.42
CA GLU A 177 -12.56 -1.58 -16.76
C GLU A 177 -11.22 -2.07 -17.30
N ALA A 178 -10.13 -1.31 -17.08
CA ALA A 178 -8.80 -1.68 -17.57
C ALA A 178 -8.27 -2.91 -16.91
N LEU A 179 -8.47 -3.05 -15.59
CA LEU A 179 -8.03 -4.25 -14.88
C LEU A 179 -8.77 -5.48 -15.43
N LYS A 180 -10.08 -5.33 -15.65
CA LYS A 180 -10.87 -6.43 -16.21
C LYS A 180 -10.36 -6.88 -17.57
N VAL A 181 -10.12 -5.96 -18.54
CA VAL A 181 -9.65 -6.43 -19.87
C VAL A 181 -8.22 -6.95 -19.78
N TYR A 182 -7.38 -6.34 -18.94
CA TYR A 182 -5.99 -6.78 -18.83
C TYR A 182 -5.87 -8.18 -18.24
N VAL A 183 -6.59 -8.45 -17.15
CA VAL A 183 -6.53 -9.74 -16.49
C VAL A 183 -7.01 -10.85 -17.41
N ARG A 184 -8.08 -10.58 -18.17
CA ARG A 184 -8.63 -11.59 -19.09
C ARG A 184 -7.71 -11.84 -20.27
N LYS A 185 -7.09 -10.79 -20.82
CA LYS A 185 -6.16 -10.88 -21.94
C LYS A 185 -4.88 -11.62 -21.55
N ARG A 186 -4.32 -11.26 -20.39
CA ARG A 186 -3.08 -11.85 -19.89
C ARG A 186 -3.24 -13.34 -19.58
N ARG A 187 -4.33 -13.72 -18.89
CA ARG A 187 -4.54 -15.11 -18.53
C ARG A 187 -5.96 -15.61 -18.82
N PRO A 188 -6.26 -15.90 -20.10
CA PRO A 188 -7.61 -16.36 -20.46
C PRO A 188 -8.02 -17.72 -19.92
N SER A 189 -7.04 -18.54 -19.47
CA SER A 189 -7.37 -19.85 -18.90
C SER A 189 -7.93 -19.75 -17.46
N ARG A 190 -7.74 -18.61 -16.78
CA ARG A 190 -8.25 -18.43 -15.42
C ARG A 190 -9.38 -17.41 -15.42
N PRO A 191 -10.64 -17.86 -15.58
CA PRO A 191 -11.76 -16.91 -15.64
C PRO A 191 -12.22 -16.34 -14.30
N HIS A 192 -11.72 -16.85 -13.17
CA HIS A 192 -12.11 -16.31 -11.86
C HIS A 192 -11.06 -15.33 -11.27
N MET A 193 -10.03 -14.97 -12.03
CA MET A 193 -8.95 -14.12 -11.53
C MET A 193 -9.40 -12.69 -11.14
N PHE A 194 -10.12 -12.00 -12.03
CA PHE A 194 -10.62 -10.65 -11.78
C PHE A 194 -11.44 -10.54 -10.47
N PRO A 195 -12.51 -11.35 -10.21
CA PRO A 195 -13.20 -11.24 -8.92
C PRO A 195 -12.31 -11.59 -7.73
N LYS A 196 -11.35 -12.52 -7.88
CA LYS A 196 -10.43 -12.85 -6.79
C LYS A 196 -9.55 -11.63 -6.48
N MET A 197 -9.10 -10.90 -7.50
CA MET A 197 -8.27 -9.70 -7.26
C MET A 197 -9.10 -8.61 -6.58
N LEU A 198 -10.36 -8.42 -7.02
CA LEU A 198 -11.22 -7.41 -6.39
C LEU A 198 -11.45 -7.69 -4.92
N MET A 199 -11.58 -8.97 -4.56
CA MET A 199 -11.76 -9.35 -3.16
C MET A 199 -10.58 -8.95 -2.26
N LYS A 200 -9.37 -8.83 -2.84
CA LYS A 200 -8.19 -8.41 -2.09
C LYS A 200 -8.34 -6.96 -1.62
N ILE A 201 -9.07 -6.10 -2.37
CA ILE A 201 -9.31 -4.73 -1.95
C ILE A 201 -10.16 -4.70 -0.69
N THR A 202 -11.15 -5.62 -0.59
CA THR A 202 -11.99 -5.70 0.59
C THR A 202 -11.18 -6.19 1.78
N ASP A 203 -10.35 -7.25 1.59
CA ASP A 203 -9.50 -7.77 2.67
C ASP A 203 -8.56 -6.69 3.18
N LEU A 204 -7.99 -5.95 2.24
CA LEU A 204 -7.08 -4.87 2.53
C LEU A 204 -7.71 -3.75 3.34
N ARG A 205 -8.96 -3.35 3.03
CA ARG A 205 -9.64 -2.30 3.79
C ARG A 205 -9.89 -2.75 5.24
N SER A 206 -10.18 -4.05 5.45
CA SER A 206 -10.38 -4.57 6.79
CA SER A 206 -10.38 -4.57 6.80
C SER A 206 -9.07 -4.49 7.59
N ILE A 207 -7.95 -4.86 6.94
CA ILE A 207 -6.66 -4.79 7.61
C ILE A 207 -6.30 -3.34 7.91
N SER A 208 -6.54 -2.40 6.97
CA SER A 208 -6.22 -0.99 7.21
C SER A 208 -7.06 -0.38 8.31
N ALA A 209 -8.30 -0.84 8.51
CA ALA A 209 -9.13 -0.36 9.63
C ALA A 209 -8.49 -0.80 10.95
N LYS A 210 -8.02 -2.04 11.02
CA LYS A 210 -7.30 -2.53 12.21
C LYS A 210 -5.97 -1.76 12.37
N GLY A 211 -5.34 -1.38 11.25
CA GLY A 211 -4.10 -0.63 11.27
C GLY A 211 -4.26 0.72 11.93
N ALA A 212 -5.37 1.41 11.65
CA ALA A 212 -5.66 2.70 12.30
C ALA A 212 -5.80 2.53 13.80
N GLU A 213 -6.35 1.39 14.26
CA GLU A 213 -6.41 1.13 15.70
C GLU A 213 -5.01 0.89 16.26
N ARG A 214 -4.13 0.22 15.47
CA ARG A 214 -2.76 -0.03 15.92
C ARG A 214 -1.93 1.23 16.00
N VAL A 215 -2.16 2.22 15.13
CA VAL A 215 -1.44 3.50 15.20
C VAL A 215 -1.70 4.16 16.56
N ILE A 216 -2.95 4.06 17.04
CA ILE A 216 -3.32 4.62 18.35
C ILE A 216 -2.50 4.00 19.46
N THR A 217 -2.41 2.67 19.51
CA THR A 217 -1.67 2.00 20.58
C THR A 217 -0.15 2.20 20.42
N LEU A 218 0.36 2.25 19.17
CA LEU A 218 1.78 2.50 18.96
C LEU A 218 2.17 3.88 19.43
N LYS A 219 1.31 4.87 19.22
CA LYS A 219 1.57 6.26 19.66
C LYS A 219 1.81 6.33 21.15
N MET A 220 1.08 5.51 21.92
CA MET A 220 1.24 5.42 23.38
C MET A 220 2.50 4.64 23.77
N GLU A 221 3.01 3.78 22.88
CA GLU A 221 4.14 2.91 23.13
C GLU A 221 5.53 3.44 22.71
N ILE A 222 5.63 4.16 21.59
CA ILE A 222 6.93 4.65 21.10
C ILE A 222 7.56 5.69 22.06
N PRO A 223 8.89 5.71 22.22
CA PRO A 223 9.50 6.67 23.16
C PRO A 223 9.37 8.13 22.72
N GLY A 224 9.42 8.37 21.42
CA GLY A 224 9.32 9.72 20.90
C GLY A 224 8.00 10.00 20.23
N SER A 225 8.06 10.70 19.10
CA SER A 225 6.86 11.03 18.34
C SER A 225 6.90 10.31 16.99
N MET A 226 5.75 10.24 16.33
CA MET A 226 5.70 9.68 14.98
C MET A 226 6.36 10.68 14.04
N PRO A 227 7.06 10.19 13.01
CA PRO A 227 7.64 11.10 12.00
C PRO A 227 6.56 12.00 11.37
N PRO A 228 6.93 13.25 11.03
CA PRO A 228 5.94 14.21 10.55
C PRO A 228 5.09 13.76 9.39
N LEU A 229 5.68 13.12 8.35
CA LEU A 229 4.88 12.68 7.20
C LEU A 229 3.93 11.55 7.58
N ILE A 230 4.33 10.65 8.50
CA ILE A 230 3.39 9.62 8.96
C ILE A 230 2.20 10.25 9.69
N GLN A 231 2.49 11.26 10.54
CA GLN A 231 1.44 11.96 11.27
C GLN A 231 0.46 12.64 10.30
N GLU A 232 0.95 13.29 9.24
CA GLU A 232 0.07 13.94 8.25
C GLU A 232 -0.87 12.95 7.61
N MET A 233 -0.37 11.73 7.32
CA MET A 233 -1.20 10.74 6.68
C MET A 233 -2.18 10.09 7.60
N LEU A 234 -1.76 9.82 8.85
CA LEU A 234 -2.60 8.99 9.71
C LEU A 234 -3.36 9.67 10.84
N GLU A 235 -2.99 10.92 11.17
CA GLU A 235 -3.68 11.59 12.24
C GLU A 235 -4.72 12.52 11.64
C ACE B 1 -3.81 20.42 8.88
O ACE B 1 -4.65 20.40 7.99
CH3 ACE B 1 -4.00 19.68 10.17
N ALA B 2 -2.65 21.13 8.78
CA ALA B 2 -2.27 21.88 7.65
C ALA B 2 -1.81 21.03 6.50
N HIS B 3 -1.29 19.82 6.81
CA HIS B 3 -0.76 18.90 5.81
C HIS B 3 0.35 19.57 4.99
N NLE B 4 1.28 20.23 5.70
CA NLE B 4 2.35 20.99 5.09
C NLE B 4 3.24 20.21 4.11
O NLE B 4 3.43 20.63 2.98
CB NLE B 4 3.18 21.64 6.19
CG NLE B 4 4.21 22.60 5.65
CD NLE B 4 5.21 23.04 6.69
CE NLE B 4 6.26 23.97 6.14
N ILE B 5 3.74 19.05 4.55
CA ILE B 5 4.58 18.22 3.69
C ILE B 5 3.81 17.68 2.49
N LEU B 6 2.58 17.19 2.73
CA LEU B 6 1.75 16.70 1.64
C LEU B 6 1.48 17.77 0.59
N HIS B 7 1.23 19.01 1.04
CA HIS B 7 0.97 20.10 0.12
C HIS B 7 2.17 20.37 -0.79
N HRG B 8 3.39 20.33 -0.20
CA HRG B 8 4.58 20.42 -0.87
CB HRG B 8 5.76 20.42 0.03
CG HRG B 8 7.62 21.61 1.25
CG' HRG B 8 6.35 21.77 0.43
CD HRG B 8 7.77 22.68 2.31
NE HRG B 8 8.17 22.10 3.58
CZ HRG B 8 7.67 22.45 4.79
NH1 HRG B 8 6.81 23.49 4.87
NH2 HRG B 8 8.06 21.66 5.75
C HRG B 8 4.80 19.34 -1.92
O HRG B 8 5.23 19.64 -3.03
N LEU B 9 4.52 18.08 -1.57
CA LEU B 9 4.64 16.98 -2.50
C LEU B 9 3.62 17.05 -3.64
N LEU B 10 2.43 17.61 -3.36
CA LEU B 10 1.37 17.61 -4.35
C LEU B 10 1.41 18.81 -5.29
N ALA B 11 1.84 19.96 -4.77
CA ALA B 11 1.98 21.17 -5.55
C ALA B 11 3.44 21.32 -5.96
CAA EQN C . 2.83 3.79 8.98
CAB EQN C . 4.42 2.71 10.55
CAC EQN C . -0.17 0.51 11.24
CAD EQN C . 1.69 -0.80 12.16
OAE EQN C . 9.77 -0.34 1.74
OAF EQN C . 3.37 -1.43 5.52
OAG EQN C . 8.14 -1.26 0.52
CAH EQN C . 7.07 0.42 4.84
CAI EQN C . 5.41 -0.71 3.65
CAJ EQN C . 7.96 0.30 3.78
CAK EQN C . 6.27 -0.90 2.60
CAL EQN C . 2.22 -1.04 7.94
CAM EQN C . 1.59 -0.81 9.19
CAN EQN C . 3.36 1.02 8.15
CAO EQN C . 2.04 2.91 11.15
CAP EQN C . 1.91 1.66 12.02
NAQ EQN C . 4.97 0.20 5.94
CAR EQN C . 8.56 -0.66 1.55
CAS EQN C . 3.81 -0.49 6.18
CAT EQN C . 5.77 -0.06 4.80
CAU EQN C . 7.59 -0.42 2.66
CAV EQN C . 3.10 -0.12 7.44
CAW EQN C . 1.89 0.32 9.91
CAX EQN C . 2.75 1.27 9.37
CAY EQN C . 2.99 2.63 10.01
CAZ EQN C . 1.34 0.45 11.31
#